data_3F03
#
_entry.id   3F03
#
_cell.length_a   57.338
_cell.length_b   70.295
_cell.length_c   89.016
_cell.angle_alpha   90.000
_cell.angle_beta   90.000
_cell.angle_gamma   90.000
#
_symmetry.space_group_name_H-M   'P 21 21 21'
#
loop_
_entity.id
_entity.type
_entity.pdbx_description
1 polymer 'Pentaerythritol tetranitrate reductase'
2 non-polymer 1-nitrocyclohexene
3 non-polymer 'FLAVIN MONONUCLEOTIDE'
4 non-polymer 'CHLORIDE ION'
5 non-polymer 'ISOPROPYL ALCOHOL'
6 water water
#
_entity_poly.entity_id   1
_entity_poly.type   'polypeptide(L)'
_entity_poly.pdbx_seq_one_letter_code
;SAEKLFTPLKVGAVTAPNRVFMAPLTRLRSIEPGDIPTPLMGEYYRQRASAGLIISEATQISAQAKGYAGAPGLHSPEQI
AAWKKITAGVHAEDGRIAVQLWHTGRISHSSIQPGGQAPVSASALNANTRTSLRDENGNAIRVDTTTPRALELDEIPGIV
NDFRQAVANAREAGFDLVELHSAHGYLLHQFLSPSSNQRTDQYGGSVENRARLVLEVVDAVCNEWSADRIGIRVSPIGTF
QNVDNGPNEEADALYLIEELAKRGIAYLHMSETDLAGGKPYSEAFRQKVRERFHGVIIGAGAYTAEKAEDLIGKGLIDAV
AFGRDYIANPDLVARLQKKAELNPQRPESFYGGGAEGYTDYPSL
;
_entity_poly.pdbx_strand_id   K
#
loop_
_chem_comp.id
_chem_comp.type
_chem_comp.name
_chem_comp.formula
CL non-polymer 'CHLORIDE ION' 'Cl -1'
FMN non-polymer 'FLAVIN MONONUCLEOTIDE' 'C17 H21 N4 O9 P'
IPA non-polymer 'ISOPROPYL ALCOHOL' 'C3 H8 O'
NYH non-polymer 1-nitrocyclohexene 'C6 H9 N O2'
#
# COMPACT_ATOMS: atom_id res chain seq x y z
N GLU A 3 20.20 -16.01 12.45
CA GLU A 3 19.52 -14.87 11.75
C GLU A 3 19.13 -15.28 10.34
N LYS A 4 17.89 -15.01 9.97
CA LYS A 4 17.34 -15.27 8.64
C LYS A 4 16.96 -13.99 7.94
N LEU A 5 16.96 -12.85 8.64
CA LEU A 5 16.55 -11.59 8.02
C LEU A 5 17.41 -11.22 6.86
N PHE A 6 18.67 -11.68 6.84
CA PHE A 6 19.64 -11.29 5.81
C PHE A 6 19.88 -12.38 4.81
N THR A 7 18.87 -13.23 4.63
CA THR A 7 18.91 -14.30 3.63
C THR A 7 17.93 -14.02 2.50
N PRO A 8 18.22 -14.50 1.30
CA PRO A 8 17.34 -14.21 0.18
C PRO A 8 15.96 -14.83 0.26
N LEU A 9 15.05 -14.29 -0.54
CA LEU A 9 13.66 -14.69 -0.59
C LEU A 9 13.17 -14.47 -2.00
N LYS A 10 12.55 -15.50 -2.59
CA LYS A 10 11.87 -15.34 -3.87
C LYS A 10 10.51 -14.71 -3.65
N VAL A 11 10.27 -13.57 -4.27
CA VAL A 11 8.99 -12.86 -4.19
C VAL A 11 8.38 -12.78 -5.58
N GLY A 12 7.57 -13.77 -5.92
CA GLY A 12 7.08 -13.91 -7.30
C GLY A 12 8.26 -13.93 -8.25
N ALA A 13 8.21 -13.05 -9.24
CA ALA A 13 9.23 -12.97 -10.27
C ALA A 13 10.58 -12.41 -9.82
N VAL A 14 10.64 -11.82 -8.65
CA VAL A 14 11.79 -11.10 -8.15
C VAL A 14 12.50 -11.90 -7.06
N THR A 15 13.81 -11.80 -6.96
CA THR A 15 14.51 -12.38 -5.82
C THR A 15 15.09 -11.25 -4.94
N ALA A 16 14.58 -11.15 -3.73
CA ALA A 16 15.05 -10.20 -2.75
C ALA A 16 16.29 -10.79 -2.06
N PRO A 17 17.35 -9.98 -1.86
CA PRO A 17 18.56 -10.50 -1.19
C PRO A 17 18.46 -10.58 0.35
N ASN A 18 17.40 -10.02 0.92
CA ASN A 18 17.17 -9.99 2.35
C ASN A 18 15.67 -9.82 2.56
N ARG A 19 15.25 -9.94 3.82
CA ARG A 19 13.84 -9.91 4.18
C ARG A 19 13.42 -8.63 4.87
N VAL A 20 14.23 -7.59 4.72
CA VAL A 20 13.99 -6.27 5.35
C VAL A 20 13.43 -5.35 4.27
N PHE A 21 12.09 -5.20 4.27
CA PHE A 21 11.42 -4.45 3.22
C PHE A 21 11.06 -3.04 3.69
N MET A 22 10.98 -2.12 2.74
CA MET A 22 10.49 -0.77 3.00
C MET A 22 8.99 -0.73 2.74
N ALA A 23 8.27 -0.43 3.80
CA ALA A 23 6.81 -0.35 3.73
C ALA A 23 6.39 0.84 2.88
N PRO A 24 5.16 0.79 2.31
CA PRO A 24 4.66 1.94 1.55
C PRO A 24 4.42 3.15 2.46
N LEU A 25 4.96 4.30 2.07
CA LEU A 25 4.93 5.50 2.92
C LEU A 25 4.58 6.71 2.09
N THR A 26 3.36 7.20 2.26
CA THR A 26 2.91 8.47 1.74
C THR A 26 3.74 9.62 2.31
N ARG A 27 4.29 10.42 1.41
CA ARG A 27 5.14 11.53 1.80
C ARG A 27 4.70 12.88 1.24
N LEU A 28 3.78 12.87 0.28
CA LEU A 28 3.09 14.08 -0.20
C LEU A 28 4.01 15.18 -0.71
N ARG A 29 4.96 14.80 -1.57
CA ARG A 29 5.95 15.73 -2.13
C ARG A 29 5.89 15.78 -3.65
N SER A 30 4.80 15.27 -4.26
CA SER A 30 4.67 15.33 -5.71
C SER A 30 4.29 16.72 -6.20
N ILE A 31 4.53 16.97 -7.47
CA ILE A 31 4.18 18.24 -8.10
C ILE A 31 2.71 18.31 -8.42
N GLU A 32 2.11 19.46 -8.12
CA GLU A 32 0.80 19.86 -8.66
C GLU A 32 0.96 21.14 -9.44
N PRO A 33 0.25 21.29 -10.56
CA PRO A 33 -0.69 20.34 -11.12
C PRO A 33 0.02 19.10 -11.71
N GLY A 34 -0.74 18.03 -11.81
CA GLY A 34 -0.35 16.82 -12.51
C GLY A 34 0.02 15.64 -11.66
N ASP A 35 0.15 15.84 -10.34
CA ASP A 35 0.45 14.73 -9.39
C ASP A 35 1.67 13.94 -9.85
N ILE A 36 2.74 14.71 -10.13
CA ILE A 36 3.92 14.16 -10.84
C ILE A 36 5.04 13.84 -9.85
N PRO A 37 5.56 12.61 -9.89
CA PRO A 37 6.74 12.30 -9.11
C PRO A 37 7.92 13.17 -9.54
N THR A 38 8.92 13.29 -8.67
CA THR A 38 10.05 14.19 -8.86
C THR A 38 11.40 13.51 -8.75
N PRO A 39 12.43 14.18 -9.27
CA PRO A 39 13.81 13.71 -9.01
C PRO A 39 14.20 13.61 -7.54
N LEU A 40 13.61 14.47 -6.70
CA LEU A 40 13.85 14.39 -5.25
C LEU A 40 13.34 13.07 -4.73
N MET A 41 12.11 12.71 -5.14
CA MET A 41 11.57 11.38 -4.78
C MET A 41 12.47 10.26 -5.31
N GLY A 42 12.98 10.42 -6.53
CA GLY A 42 13.94 9.47 -7.04
C GLY A 42 15.16 9.25 -6.15
N GLU A 43 15.71 10.36 -5.67
CA GLU A 43 16.86 10.29 -4.76
C GLU A 43 16.54 9.55 -3.49
N TYR A 44 15.39 9.89 -2.89
CA TYR A 44 14.92 9.21 -1.69
C TYR A 44 14.85 7.69 -1.85
N TYR A 45 14.23 7.25 -2.96
CA TYR A 45 14.13 5.82 -3.22
C TYR A 45 15.51 5.19 -3.49
N ARG A 46 16.36 5.88 -4.25
CA ARG A 46 17.71 5.36 -4.53
C ARG A 46 18.51 5.15 -3.25
N GLN A 47 18.35 6.07 -2.31
CA GLN A 47 19.05 5.96 -1.03
C GLN A 47 18.70 4.70 -0.25
N ARG A 48 17.52 4.13 -0.52
CA ARG A 48 16.95 3.00 0.19
C ARG A 48 17.02 1.71 -0.61
N ALA A 49 17.76 1.72 -1.71
CA ALA A 49 17.81 0.60 -2.63
C ALA A 49 18.41 -0.69 -2.09
N SER A 50 19.10 -0.64 -0.95
CA SER A 50 19.55 -1.90 -0.31
C SER A 50 18.42 -2.70 0.34
N ALA A 51 17.21 -2.12 0.51
CA ALA A 51 16.08 -2.89 0.96
C ALA A 51 15.89 -4.17 0.14
N GLY A 52 15.47 -5.24 0.80
CA GLY A 52 15.14 -6.43 0.07
C GLY A 52 14.10 -6.14 -1.03
N LEU A 53 13.16 -5.27 -0.69
CA LEU A 53 12.14 -4.78 -1.64
C LEU A 53 11.72 -3.42 -1.14
N ILE A 54 11.68 -2.41 -2.02
CA ILE A 54 11.02 -1.13 -1.71
C ILE A 54 9.58 -1.23 -2.19
N ILE A 55 8.62 -0.88 -1.33
CA ILE A 55 7.23 -0.72 -1.75
C ILE A 55 6.98 0.77 -1.71
N SER A 56 6.60 1.34 -2.85
CA SER A 56 6.43 2.78 -2.97
C SER A 56 5.32 3.34 -2.11
N GLU A 57 5.33 4.64 -1.94
CA GLU A 57 4.17 5.40 -1.52
C GLU A 57 2.95 5.03 -2.35
N ALA A 58 1.78 5.09 -1.71
CA ALA A 58 0.53 4.85 -2.43
C ALA A 58 0.40 5.82 -3.60
N THR A 59 0.00 5.29 -4.74
CA THR A 59 0.01 6.01 -6.01
C THR A 59 -1.37 5.82 -6.69
N GLN A 60 -1.94 6.94 -7.17
CA GLN A 60 -3.27 6.88 -7.82
C GLN A 60 -3.28 6.08 -9.10
N ILE A 61 -4.36 5.30 -9.22
CA ILE A 61 -4.66 4.58 -10.46
C ILE A 61 -5.32 5.48 -11.53
N SER A 62 -5.85 6.62 -11.10
CA SER A 62 -6.65 7.53 -11.90
C SER A 62 -6.72 8.87 -11.18
N ALA A 63 -7.20 9.90 -11.86
CA ALA A 63 -7.44 11.17 -11.16
C ALA A 63 -8.52 11.03 -10.09
N GLN A 64 -9.57 10.29 -10.40
CA GLN A 64 -10.63 10.07 -9.42
C GLN A 64 -10.09 9.43 -8.13
N ALA A 65 -9.05 8.59 -8.27
CA ALA A 65 -8.46 7.92 -7.13
C ALA A 65 -7.84 8.85 -6.10
N LYS A 66 -7.57 10.11 -6.47
CA LYS A 66 -6.81 11.00 -5.58
C LYS A 66 -7.62 11.36 -4.34
N GLY A 67 -6.94 11.28 -3.19
CA GLY A 67 -7.49 11.77 -1.95
C GLY A 67 -6.58 12.69 -1.15
N TYR A 68 -5.30 12.82 -1.53
CA TYR A 68 -4.33 13.61 -0.79
C TYR A 68 -3.59 14.52 -1.79
N ALA A 69 -3.50 15.81 -1.47
CA ALA A 69 -2.67 16.75 -2.25
C ALA A 69 -1.20 16.33 -2.07
N GLY A 70 -0.50 16.16 -3.18
CA GLY A 70 0.91 15.77 -3.17
C GLY A 70 1.20 14.30 -3.36
N ALA A 71 0.16 13.44 -3.36
CA ALA A 71 0.34 12.03 -3.68
C ALA A 71 0.43 11.86 -5.17
N PRO A 72 1.35 11.00 -5.65
CA PRO A 72 1.56 10.85 -7.08
C PRO A 72 0.52 9.95 -7.74
N GLY A 73 0.42 10.10 -9.06
CA GLY A 73 -0.37 9.18 -9.86
C GLY A 73 0.47 8.31 -10.79
N LEU A 74 -0.18 7.36 -11.42
CA LEU A 74 0.38 6.50 -12.43
C LEU A 74 -0.65 6.27 -13.54
N HIS A 75 -1.34 7.35 -13.90
CA HIS A 75 -2.32 7.34 -14.97
C HIS A 75 -2.01 8.20 -16.17
N SER A 76 -1.13 9.18 -16.04
CA SER A 76 -0.85 10.10 -17.13
C SER A 76 0.50 9.86 -17.80
N PRO A 77 0.66 10.33 -19.04
CA PRO A 77 1.98 10.16 -19.66
C PRO A 77 3.12 10.80 -18.87
N GLU A 78 2.87 11.95 -18.28
CA GLU A 78 3.94 12.64 -17.57
C GLU A 78 4.30 11.90 -16.29
N GLN A 79 3.32 11.29 -15.65
CA GLN A 79 3.59 10.45 -14.47
C GLN A 79 4.39 9.23 -14.85
N ILE A 80 4.00 8.56 -15.93
CA ILE A 80 4.74 7.40 -16.42
C ILE A 80 6.20 7.79 -16.65
N ALA A 81 6.42 8.91 -17.35
CA ALA A 81 7.79 9.33 -17.66
C ALA A 81 8.62 9.61 -16.41
N ALA A 82 8.00 10.24 -15.41
CA ALA A 82 8.71 10.58 -14.19
C ALA A 82 9.01 9.29 -13.40
N TRP A 83 8.05 8.37 -13.34
CA TRP A 83 8.32 7.12 -12.61
C TRP A 83 9.42 6.30 -13.30
N LYS A 84 9.45 6.32 -14.62
CA LYS A 84 10.49 5.59 -15.36
C LYS A 84 11.90 6.02 -14.87
N LYS A 85 12.10 7.31 -14.64
CA LYS A 85 13.41 7.80 -14.18
C LYS A 85 13.68 7.27 -12.78
N ILE A 86 12.64 7.23 -11.93
CA ILE A 86 12.78 6.78 -10.55
C ILE A 86 13.11 5.30 -10.48
N THR A 87 12.41 4.46 -11.24
CA THR A 87 12.73 3.04 -11.20
C THR A 87 14.12 2.75 -11.80
N ALA A 88 14.48 3.48 -12.85
CA ALA A 88 15.81 3.33 -13.44
C ALA A 88 16.89 3.63 -12.40
N GLY A 89 16.69 4.68 -11.61
CA GLY A 89 17.64 5.01 -10.57
C GLY A 89 17.75 3.94 -9.50
N VAL A 90 16.60 3.36 -9.09
CA VAL A 90 16.63 2.28 -8.11
C VAL A 90 17.37 1.06 -8.69
N HIS A 91 17.09 0.76 -9.96
CA HIS A 91 17.76 -0.36 -10.60
C HIS A 91 19.25 -0.16 -10.79
N ALA A 92 19.66 1.07 -11.05
CA ALA A 92 21.09 1.40 -11.14
C ALA A 92 21.82 1.13 -9.84
N GLU A 93 21.11 1.17 -8.71
CA GLU A 93 21.64 0.83 -7.40
C GLU A 93 21.38 -0.63 -7.00
N ASP A 94 20.95 -1.46 -7.95
CA ASP A 94 20.66 -2.87 -7.73
C ASP A 94 19.52 -3.10 -6.73
N GLY A 95 18.54 -2.19 -6.71
CA GLY A 95 17.36 -2.40 -5.91
C GLY A 95 16.19 -2.98 -6.67
N ARG A 96 15.12 -3.25 -5.93
CA ARG A 96 13.84 -3.75 -6.47
C ARG A 96 12.77 -2.85 -5.89
N ILE A 97 11.79 -2.47 -6.73
CA ILE A 97 10.74 -1.56 -6.30
C ILE A 97 9.36 -1.99 -6.84
N ALA A 98 8.42 -2.08 -5.90
CA ALA A 98 7.00 -2.32 -6.18
C ALA A 98 6.30 -0.99 -6.09
N VAL A 99 5.30 -0.76 -6.93
CA VAL A 99 4.45 0.41 -6.78
C VAL A 99 3.18 -0.01 -6.01
N GLN A 100 2.82 0.72 -4.96
CA GLN A 100 1.54 0.50 -4.28
C GLN A 100 0.51 1.36 -4.99
N LEU A 101 -0.53 0.68 -5.50
CA LEU A 101 -1.61 1.34 -6.24
C LEU A 101 -2.86 1.44 -5.39
N TRP A 102 -3.41 2.63 -5.27
CA TRP A 102 -4.67 2.86 -4.54
C TRP A 102 -5.70 3.64 -5.31
N HIS A 103 -6.93 3.45 -4.85
CA HIS A 103 -8.01 4.42 -5.02
C HIS A 103 -8.42 4.77 -3.61
N THR A 104 -8.43 6.06 -3.29
CA THR A 104 -8.67 6.46 -1.90
C THR A 104 -10.16 6.36 -1.53
N GLY A 105 -11.03 6.29 -2.52
CA GLY A 105 -12.45 6.30 -2.24
C GLY A 105 -12.84 7.45 -1.31
N ARG A 106 -13.60 7.17 -0.24
CA ARG A 106 -14.12 8.22 0.59
C ARG A 106 -13.10 8.96 1.46
N ILE A 107 -11.85 8.50 1.55
CA ILE A 107 -10.81 9.25 2.28
C ILE A 107 -10.23 10.21 1.24
N SER A 108 -10.96 11.30 1.05
CA SER A 108 -10.70 12.26 0.00
C SER A 108 -11.53 13.52 0.25
N HIS A 109 -11.41 14.48 -0.65
CA HIS A 109 -12.10 15.76 -0.52
C HIS A 109 -12.51 16.24 -1.91
N SER A 110 -13.70 16.83 -1.99
CA SER A 110 -14.22 17.25 -3.29
C SER A 110 -13.28 18.21 -4.03
N SER A 111 -12.51 19.03 -3.28
CA SER A 111 -11.65 20.03 -3.91
C SER A 111 -10.52 19.48 -4.75
N ILE A 112 -10.18 18.21 -4.56
CA ILE A 112 -9.15 17.55 -5.31
C ILE A 112 -9.67 16.40 -6.19
N GLN A 113 -10.98 16.32 -6.37
CA GLN A 113 -11.62 15.41 -7.28
C GLN A 113 -11.84 16.06 -8.65
N PRO A 114 -11.92 15.23 -9.70
CA PRO A 114 -12.27 15.80 -11.02
C PRO A 114 -13.61 16.58 -10.93
N GLY A 115 -13.63 17.79 -11.47
CA GLY A 115 -14.83 18.60 -11.48
C GLY A 115 -15.25 19.12 -10.14
N GLY A 116 -14.43 18.92 -9.09
CA GLY A 116 -14.80 19.37 -7.76
C GLY A 116 -15.93 18.57 -7.15
N GLN A 117 -16.15 17.34 -7.61
CA GLN A 117 -17.28 16.56 -7.14
C GLN A 117 -16.94 15.69 -5.93
N ALA A 118 -17.99 15.20 -5.28
CA ALA A 118 -17.84 14.30 -4.16
C ALA A 118 -17.05 13.06 -4.59
N PRO A 119 -16.18 12.55 -3.71
CA PRO A 119 -15.48 11.32 -4.03
C PRO A 119 -16.43 10.13 -3.98
N VAL A 120 -15.99 8.96 -4.45
CA VAL A 120 -16.83 7.78 -4.55
C VAL A 120 -16.48 6.76 -3.49
N SER A 121 -17.46 5.90 -3.20
CA SER A 121 -17.25 4.78 -2.28
C SER A 121 -18.28 3.68 -2.54
N ALA A 122 -18.24 2.65 -1.72
CA ALA A 122 -19.24 1.62 -1.76
C ALA A 122 -20.63 2.18 -1.40
N SER A 123 -20.68 3.04 -0.38
CA SER A 123 -21.91 3.62 0.13
C SER A 123 -21.70 5.09 0.42
N ALA A 124 -22.78 5.84 0.54
CA ALA A 124 -22.75 7.27 0.80
C ALA A 124 -22.61 7.57 2.29
N LEU A 125 -21.47 7.22 2.86
CA LEU A 125 -21.19 7.35 4.27
C LEU A 125 -19.87 8.08 4.42
N ASN A 126 -19.85 9.15 5.20
CA ASN A 126 -18.61 9.89 5.43
C ASN A 126 -17.61 9.01 6.20
N ALA A 127 -16.34 9.12 5.79
CA ALA A 127 -15.26 8.44 6.46
C ALA A 127 -15.06 8.86 7.89
N ASN A 128 -15.50 10.07 8.22
CA ASN A 128 -15.33 10.66 9.55
C ASN A 128 -13.87 10.71 9.98
N THR A 129 -13.02 11.05 9.04
CA THR A 129 -11.61 11.26 9.35
C THR A 129 -11.10 12.46 8.57
N ARG A 130 -9.78 12.61 8.51
CA ARG A 130 -9.19 13.70 7.78
C ARG A 130 -8.26 13.18 6.71
N THR A 131 -8.10 14.02 5.70
CA THR A 131 -7.09 13.81 4.66
C THR A 131 -6.19 15.01 4.62
N SER A 132 -5.21 15.01 3.71
CA SER A 132 -4.26 16.11 3.64
C SER A 132 -4.45 16.87 2.33
N LEU A 133 -4.68 18.17 2.42
CA LEU A 133 -4.67 19.07 1.27
C LEU A 133 -3.43 19.92 1.33
N ARG A 134 -3.29 20.88 0.41
CA ARG A 134 -2.22 21.86 0.46
C ARG A 134 -2.88 23.23 0.57
N ASP A 135 -2.26 24.09 1.37
CA ASP A 135 -2.66 25.49 1.46
C ASP A 135 -2.09 26.34 0.33
N GLU A 136 -2.35 27.65 0.37
CA GLU A 136 -1.97 28.54 -0.74
C GLU A 136 -0.47 28.66 -0.94
N ASN A 137 0.29 28.26 0.08
CA ASN A 137 1.74 28.23 0.02
C ASN A 137 2.31 26.86 -0.26
N GLY A 138 1.45 25.89 -0.49
CA GLY A 138 1.91 24.56 -0.85
C GLY A 138 2.20 23.66 0.32
N ASN A 139 1.86 24.07 1.52
CA ASN A 139 2.09 23.26 2.72
C ASN A 139 0.97 22.32 3.08
N ALA A 140 1.31 21.13 3.59
CA ALA A 140 0.28 20.15 3.93
C ALA A 140 -0.60 20.66 5.05
N ILE A 141 -1.90 20.49 4.89
CA ILE A 141 -2.91 20.81 5.93
C ILE A 141 -3.93 19.68 6.02
N ARG A 142 -4.43 19.42 7.22
N ARG A 142 -4.42 19.35 7.21
CA ARG A 142 -5.45 18.41 7.43
CA ARG A 142 -5.38 18.25 7.38
C ARG A 142 -6.81 19.04 7.15
C ARG A 142 -6.82 18.78 7.42
N VAL A 143 -7.68 18.21 6.57
CA VAL A 143 -9.07 18.65 6.28
C VAL A 143 -10.02 17.48 6.42
N ASP A 144 -11.20 17.73 6.96
CA ASP A 144 -12.21 16.70 7.09
C ASP A 144 -12.65 16.15 5.74
N THR A 145 -12.84 14.84 5.68
CA THR A 145 -13.23 14.19 4.45
C THR A 145 -14.66 14.55 3.98
N THR A 146 -14.83 14.55 2.66
CA THR A 146 -16.13 14.88 2.06
C THR A 146 -17.02 13.66 1.99
N THR A 147 -18.30 13.80 2.27
CA THR A 147 -19.24 12.66 2.16
C THR A 147 -19.21 12.15 0.72
N PRO A 148 -19.05 10.83 0.54
CA PRO A 148 -18.96 10.31 -0.78
C PRO A 148 -20.29 9.99 -1.43
N ARG A 149 -20.23 9.79 -2.75
CA ARG A 149 -21.31 9.22 -3.56
C ARG A 149 -21.11 7.72 -3.71
N ALA A 150 -22.17 6.93 -3.53
CA ALA A 150 -22.11 5.50 -3.75
C ALA A 150 -21.93 5.20 -5.25
N LEU A 151 -20.94 4.38 -5.59
CA LEU A 151 -20.76 3.98 -6.97
C LEU A 151 -22.01 3.28 -7.48
N GLU A 152 -22.38 3.57 -8.71
CA GLU A 152 -23.44 2.80 -9.36
C GLU A 152 -22.87 1.48 -9.83
N LEU A 153 -23.72 0.47 -9.91
CA LEU A 153 -23.28 -0.82 -10.40
C LEU A 153 -22.55 -0.73 -11.73
N ASP A 154 -23.05 0.09 -12.65
CA ASP A 154 -22.44 0.18 -13.95
C ASP A 154 -21.12 0.92 -13.98
N GLU A 155 -20.74 1.54 -12.85
CA GLU A 155 -19.41 2.15 -12.72
C GLU A 155 -18.32 1.15 -12.30
N ILE A 156 -18.69 0.01 -11.74
CA ILE A 156 -17.70 -0.92 -11.20
C ILE A 156 -16.72 -1.42 -12.25
N PRO A 157 -17.17 -1.81 -13.45
CA PRO A 157 -16.18 -2.26 -14.46
C PRO A 157 -15.13 -1.21 -14.76
N GLY A 158 -15.51 0.07 -14.71
CA GLY A 158 -14.52 1.12 -14.93
C GLY A 158 -13.45 1.20 -13.86
N ILE A 159 -13.84 1.00 -12.60
CA ILE A 159 -12.87 0.93 -11.50
C ILE A 159 -11.89 -0.21 -11.72
N VAL A 160 -12.42 -1.38 -12.09
CA VAL A 160 -11.57 -2.53 -12.35
C VAL A 160 -10.60 -2.21 -13.49
N ASN A 161 -11.12 -1.61 -14.55
CA ASN A 161 -10.28 -1.21 -15.68
C ASN A 161 -9.22 -0.20 -15.30
N ASP A 162 -9.55 0.71 -14.39
CA ASP A 162 -8.57 1.69 -13.94
C ASP A 162 -7.41 1.01 -13.21
N PHE A 163 -7.68 0.02 -12.37
CA PHE A 163 -6.60 -0.76 -11.76
C PHE A 163 -5.79 -1.49 -12.84
N ARG A 164 -6.45 -2.13 -13.79
CA ARG A 164 -5.78 -2.84 -14.87
C ARG A 164 -4.85 -1.91 -15.66
N GLN A 165 -5.38 -0.77 -16.04
CA GLN A 165 -4.63 0.22 -16.79
C GLN A 165 -3.43 0.73 -16.02
N ALA A 166 -3.61 0.99 -14.74
CA ALA A 166 -2.50 1.49 -13.93
C ALA A 166 -1.43 0.40 -13.82
N VAL A 167 -1.77 -0.88 -13.81
CA VAL A 167 -0.81 -1.96 -13.82
C VAL A 167 -0.07 -2.04 -15.15
N ALA A 168 -0.77 -1.84 -16.28
CA ALA A 168 -0.09 -1.73 -17.57
C ALA A 168 0.95 -0.61 -17.49
N ASN A 169 0.53 0.54 -16.95
CA ASN A 169 1.40 1.68 -16.85
C ASN A 169 2.57 1.40 -15.91
N ALA A 170 2.34 0.70 -14.81
CA ALA A 170 3.38 0.36 -13.85
C ALA A 170 4.43 -0.55 -14.44
N ARG A 171 4.01 -1.53 -15.20
CA ARG A 171 4.92 -2.44 -15.91
C ARG A 171 5.80 -1.65 -16.89
N GLU A 172 5.16 -0.78 -17.66
CA GLU A 172 5.89 0.10 -18.56
C GLU A 172 6.87 0.99 -17.79
N ALA A 173 6.45 1.51 -16.65
CA ALA A 173 7.27 2.44 -15.88
C ALA A 173 8.44 1.77 -15.19
N GLY A 174 8.59 0.46 -15.29
CA GLY A 174 9.80 -0.20 -14.78
C GLY A 174 9.70 -0.76 -13.38
N PHE A 175 8.51 -0.74 -12.78
CA PHE A 175 8.36 -1.38 -11.49
C PHE A 175 8.57 -2.89 -11.62
N ASP A 176 9.03 -3.50 -10.54
CA ASP A 176 9.27 -4.93 -10.49
C ASP A 176 8.00 -5.72 -10.11
N LEU A 177 7.15 -5.09 -9.28
CA LEU A 177 5.94 -5.69 -8.77
C LEU A 177 4.95 -4.57 -8.59
N VAL A 178 3.68 -4.95 -8.41
CA VAL A 178 2.62 -4.03 -7.98
C VAL A 178 2.06 -4.52 -6.67
N GLU A 179 1.75 -3.60 -5.76
CA GLU A 179 1.02 -3.92 -4.53
C GLU A 179 -0.34 -3.24 -4.59
N LEU A 180 -1.42 -4.03 -4.55
CA LEU A 180 -2.77 -3.45 -4.49
C LEU A 180 -3.04 -2.97 -3.06
N HIS A 181 -3.47 -1.72 -2.93
CA HIS A 181 -3.77 -1.16 -1.60
C HIS A 181 -5.20 -1.53 -1.18
N SER A 182 -5.31 -2.67 -0.54
CA SER A 182 -6.62 -3.18 -0.09
C SER A 182 -6.75 -3.01 1.44
N ALA A 183 -6.06 -2.03 2.02
CA ALA A 183 -5.97 -1.83 3.45
C ALA A 183 -6.40 -0.40 3.84
N HIS A 184 -6.39 -0.16 5.15
CA HIS A 184 -6.36 1.18 5.76
C HIS A 184 -7.54 2.06 5.39
N GLY A 185 -8.68 1.45 5.09
CA GLY A 185 -9.89 2.18 4.83
C GLY A 185 -10.00 2.88 3.51
N TYR A 186 -9.17 2.52 2.52
CA TYR A 186 -9.28 3.08 1.15
C TYR A 186 -10.32 2.27 0.35
N LEU A 187 -10.43 2.50 -0.96
CA LEU A 187 -11.64 2.06 -1.66
C LEU A 187 -11.86 0.56 -1.57
N LEU A 188 -10.82 -0.22 -1.78
CA LEU A 188 -10.99 -1.68 -1.75
C LEU A 188 -11.45 -2.15 -0.37
N HIS A 189 -10.84 -1.62 0.68
CA HIS A 189 -11.23 -1.92 2.06
C HIS A 189 -12.63 -1.40 2.38
N GLN A 190 -13.03 -0.27 1.80
CA GLN A 190 -14.40 0.25 1.96
C GLN A 190 -15.43 -0.74 1.48
N PHE A 191 -15.12 -1.46 0.40
CA PHE A 191 -16.02 -2.53 -0.05
C PHE A 191 -15.91 -3.77 0.85
N LEU A 192 -14.71 -4.15 1.28
CA LEU A 192 -14.54 -5.34 2.13
C LEU A 192 -15.25 -5.24 3.47
N SER A 193 -15.28 -4.05 4.07
CA SER A 193 -15.79 -3.88 5.43
C SER A 193 -17.30 -3.67 5.46
N PRO A 194 -18.00 -4.44 6.32
CA PRO A 194 -19.46 -4.18 6.46
C PRO A 194 -19.78 -2.82 7.08
N SER A 195 -18.82 -2.22 7.77
CA SER A 195 -19.02 -0.91 8.38
C SER A 195 -19.13 0.25 7.38
N SER A 196 -18.43 0.13 6.28
CA SER A 196 -18.42 1.12 5.22
C SER A 196 -19.23 0.71 4.01
N ASN A 197 -19.60 -0.55 3.93
CA ASN A 197 -20.34 -1.09 2.80
C ASN A 197 -21.71 -1.53 3.24
N GLN A 198 -22.73 -0.75 2.86
CA GLN A 198 -24.14 -1.04 3.14
C GLN A 198 -24.90 -1.34 1.86
N ARG A 199 -24.19 -1.72 0.81
CA ARG A 199 -24.81 -2.04 -0.45
C ARG A 199 -25.66 -3.29 -0.35
N THR A 200 -26.68 -3.36 -1.19
CA THR A 200 -27.60 -4.48 -1.21
C THR A 200 -27.61 -5.12 -2.59
N ASP A 201 -26.59 -4.84 -3.39
CA ASP A 201 -26.37 -5.49 -4.68
C ASP A 201 -25.25 -6.54 -4.59
N GLN A 202 -24.77 -7.02 -5.72
CA GLN A 202 -23.75 -8.06 -5.72
C GLN A 202 -22.38 -7.64 -5.16
N TYR A 203 -22.23 -6.38 -4.81
CA TYR A 203 -20.98 -5.91 -4.20
C TYR A 203 -21.14 -5.55 -2.71
N GLY A 204 -22.27 -5.92 -2.07
CA GLY A 204 -22.36 -5.86 -0.64
C GLY A 204 -23.12 -6.99 -0.01
N GLY A 205 -23.12 -7.03 1.31
CA GLY A 205 -23.91 -8.05 2.06
C GLY A 205 -22.98 -9.16 2.51
N SER A 206 -22.98 -10.27 1.78
CA SER A 206 -22.19 -11.43 2.13
C SER A 206 -20.71 -11.11 1.96
N VAL A 207 -19.83 -11.88 2.63
CA VAL A 207 -18.39 -11.67 2.44
C VAL A 207 -17.99 -11.92 0.99
N GLU A 208 -18.62 -12.87 0.31
CA GLU A 208 -18.35 -13.10 -1.09
C GLU A 208 -18.60 -11.83 -1.91
N ASN A 209 -19.69 -11.15 -1.61
CA ASN A 209 -20.05 -9.92 -2.34
C ASN A 209 -19.11 -8.78 -1.95
N ARG A 210 -18.81 -8.67 -0.68
CA ARG A 210 -17.88 -7.62 -0.20
C ARG A 210 -16.46 -7.74 -0.76
N ALA A 211 -16.00 -8.98 -0.94
CA ALA A 211 -14.70 -9.24 -1.54
C ALA A 211 -14.73 -9.24 -3.07
N ARG A 212 -15.91 -9.14 -3.68
CA ARG A 212 -16.03 -9.30 -5.12
C ARG A 212 -15.14 -8.29 -5.88
N LEU A 213 -15.22 -7.02 -5.50
CA LEU A 213 -14.44 -6.01 -6.22
C LEU A 213 -12.92 -6.29 -6.12
N VAL A 214 -12.42 -6.56 -4.92
CA VAL A 214 -11.00 -6.76 -4.82
C VAL A 214 -10.55 -7.99 -5.61
N LEU A 215 -11.36 -9.04 -5.64
CA LEU A 215 -10.98 -10.23 -6.39
C LEU A 215 -11.10 -10.00 -7.92
N GLU A 216 -12.08 -9.21 -8.38
CA GLU A 216 -12.12 -8.81 -9.78
C GLU A 216 -10.86 -8.00 -10.14
N VAL A 217 -10.44 -7.12 -9.24
CA VAL A 217 -9.21 -6.36 -9.50
C VAL A 217 -8.00 -7.27 -9.56
N VAL A 218 -7.89 -8.18 -8.61
CA VAL A 218 -6.77 -9.14 -8.61
C VAL A 218 -6.76 -9.91 -9.94
N ASP A 219 -7.92 -10.41 -10.37
CA ASP A 219 -7.91 -11.20 -11.60
C ASP A 219 -7.57 -10.32 -12.80
N ALA A 220 -8.06 -9.09 -12.85
CA ALA A 220 -7.75 -8.21 -13.98
C ALA A 220 -6.26 -7.92 -14.05
N VAL A 221 -5.62 -7.66 -12.90
CA VAL A 221 -4.22 -7.29 -12.92
C VAL A 221 -3.29 -8.49 -13.18
N CYS A 222 -3.68 -9.67 -12.70
CA CYS A 222 -2.94 -10.88 -13.02
C CYS A 222 -2.98 -11.16 -14.52
N ASN A 223 -4.15 -10.92 -15.12
N ASN A 223 -4.15 -10.95 -15.13
CA ASN A 223 -4.29 -11.12 -16.55
CA ASN A 223 -4.26 -11.13 -16.57
C ASN A 223 -3.54 -10.07 -17.38
C ASN A 223 -3.45 -10.10 -17.33
N GLU A 224 -3.48 -8.84 -16.87
CA GLU A 224 -2.74 -7.79 -17.55
C GLU A 224 -1.23 -8.06 -17.55
N TRP A 225 -0.69 -8.50 -16.40
CA TRP A 225 0.74 -8.76 -16.29
C TRP A 225 0.91 -10.27 -16.04
N SER A 226 1.13 -10.65 -14.79
N SER A 226 1.18 -10.66 -14.81
CA SER A 226 1.33 -12.04 -14.39
CA SER A 226 1.15 -12.06 -14.43
C SER A 226 1.03 -12.12 -12.90
C SER A 226 1.04 -12.13 -12.91
N ALA A 227 0.53 -13.25 -12.42
CA ALA A 227 0.26 -13.38 -10.99
C ALA A 227 1.50 -13.19 -10.13
N ASP A 228 2.64 -13.63 -10.65
CA ASP A 228 3.90 -13.52 -9.94
C ASP A 228 4.46 -12.11 -9.90
N ARG A 229 3.70 -11.12 -10.37
CA ARG A 229 4.05 -9.72 -10.27
C ARG A 229 3.13 -8.95 -9.32
N ILE A 230 2.15 -9.64 -8.75
CA ILE A 230 1.09 -8.97 -7.97
C ILE A 230 1.17 -9.33 -6.50
N GLY A 231 1.24 -8.29 -5.67
CA GLY A 231 1.05 -8.39 -4.26
C GLY A 231 -0.20 -7.63 -3.82
N ILE A 232 -0.62 -7.87 -2.60
CA ILE A 232 -1.76 -7.18 -2.04
C ILE A 232 -1.53 -6.88 -0.58
N ARG A 233 -1.89 -5.65 -0.19
CA ARG A 233 -1.81 -5.26 1.22
C ARG A 233 -3.24 -5.26 1.77
N VAL A 234 -3.38 -5.90 2.93
CA VAL A 234 -4.64 -5.98 3.67
C VAL A 234 -4.43 -5.59 5.12
N SER A 235 -5.45 -5.05 5.76
CA SER A 235 -5.43 -4.76 7.18
C SER A 235 -6.74 -5.29 7.74
N PRO A 236 -6.86 -6.63 7.81
CA PRO A 236 -8.20 -7.27 7.93
C PRO A 236 -8.63 -7.60 9.37
N ILE A 237 -7.77 -7.31 10.36
CA ILE A 237 -8.03 -7.53 11.77
C ILE A 237 -7.83 -6.21 12.49
N GLY A 238 -8.87 -5.74 13.17
CA GLY A 238 -8.81 -4.46 13.84
C GLY A 238 -9.43 -3.30 13.09
N THR A 239 -9.20 -2.08 13.57
CA THR A 239 -9.76 -0.87 12.98
C THR A 239 -8.63 0.02 12.47
N PHE A 240 -8.83 0.58 11.26
CA PHE A 240 -7.82 1.40 10.59
C PHE A 240 -8.55 2.60 9.99
N GLN A 241 -8.18 3.81 10.41
CA GLN A 241 -8.75 5.05 9.91
C GLN A 241 -10.26 4.98 9.90
N ASN A 242 -10.78 4.50 11.03
CA ASN A 242 -12.23 4.37 11.28
C ASN A 242 -12.99 3.33 10.51
N VAL A 243 -12.27 2.45 9.83
CA VAL A 243 -12.87 1.31 9.17
C VAL A 243 -12.50 0.06 9.96
N ASP A 244 -13.50 -0.53 10.62
CA ASP A 244 -13.30 -1.82 11.27
C ASP A 244 -13.51 -2.91 10.23
N ASN A 245 -13.35 -4.16 10.64
CA ASN A 245 -13.50 -5.31 9.74
C ASN A 245 -14.72 -6.15 10.02
N GLY A 246 -15.64 -5.57 10.75
CA GLY A 246 -16.93 -6.23 10.97
C GLY A 246 -16.89 -7.26 12.04
N PRO A 247 -18.05 -7.89 12.26
CA PRO A 247 -18.23 -8.77 13.40
C PRO A 247 -17.70 -10.21 13.22
N ASN A 248 -17.23 -10.54 12.04
CA ASN A 248 -16.70 -11.83 11.74
C ASN A 248 -15.36 -11.66 11.05
N GLU A 249 -14.52 -10.80 11.63
CA GLU A 249 -13.30 -10.38 10.91
C GLU A 249 -12.34 -11.52 10.60
N GLU A 250 -12.14 -12.47 11.53
CA GLU A 250 -11.19 -13.55 11.25
C GLU A 250 -11.71 -14.47 10.14
N ALA A 251 -12.96 -14.93 10.24
CA ALA A 251 -13.51 -15.77 9.21
C ALA A 251 -13.49 -15.08 7.85
N ASP A 252 -13.89 -13.81 7.84
CA ASP A 252 -13.93 -13.08 6.57
C ASP A 252 -12.52 -12.90 6.00
N ALA A 253 -11.52 -12.70 6.87
CA ALA A 253 -10.13 -12.60 6.40
C ALA A 253 -9.65 -13.89 5.76
N LEU A 254 -9.98 -15.03 6.40
CA LEU A 254 -9.56 -16.32 5.91
C LEU A 254 -10.21 -16.66 4.58
N TYR A 255 -11.48 -16.24 4.43
CA TYR A 255 -12.15 -16.38 3.14
C TYR A 255 -11.37 -15.66 2.02
N LEU A 256 -11.08 -14.38 2.25
CA LEU A 256 -10.35 -13.60 1.26
C LEU A 256 -9.00 -14.22 0.96
N ILE A 257 -8.29 -14.64 2.00
CA ILE A 257 -6.93 -15.18 1.82
C ILE A 257 -6.97 -16.48 1.03
N GLU A 258 -7.95 -17.36 1.29
CA GLU A 258 -8.10 -18.59 0.51
C GLU A 258 -8.38 -18.26 -0.94
N GLU A 259 -9.22 -17.24 -1.17
CA GLU A 259 -9.48 -16.84 -2.55
C GLU A 259 -8.25 -16.28 -3.26
N LEU A 260 -7.49 -15.42 -2.58
CA LEU A 260 -6.25 -14.91 -3.12
C LEU A 260 -5.26 -16.02 -3.48
N ALA A 261 -5.19 -17.04 -2.62
CA ALA A 261 -4.27 -18.15 -2.83
C ALA A 261 -4.53 -18.86 -4.15
N LYS A 262 -5.80 -18.92 -4.54
CA LYS A 262 -6.15 -19.59 -5.79
C LYS A 262 -5.55 -18.90 -7.00
N ARG A 263 -5.24 -17.60 -6.90
CA ARG A 263 -4.67 -16.87 -8.01
C ARG A 263 -3.14 -17.01 -8.09
N GLY A 264 -2.51 -17.59 -7.09
CA GLY A 264 -1.07 -17.77 -7.12
C GLY A 264 -0.27 -16.47 -7.17
N ILE A 265 -0.76 -15.46 -6.47
CA ILE A 265 -0.11 -14.15 -6.49
C ILE A 265 1.21 -14.18 -5.71
N ALA A 266 2.04 -13.18 -5.97
CA ALA A 266 3.38 -13.12 -5.38
C ALA A 266 3.38 -13.03 -3.85
N TYR A 267 2.54 -12.17 -3.28
CA TYR A 267 2.63 -11.96 -1.84
C TYR A 267 1.34 -11.42 -1.21
N LEU A 268 1.23 -11.68 0.09
CA LEU A 268 0.21 -11.14 0.99
C LEU A 268 0.92 -10.31 2.04
N HIS A 269 0.62 -9.02 2.09
CA HIS A 269 1.26 -8.09 3.03
C HIS A 269 0.19 -7.69 4.06
N MET A 270 0.42 -8.08 5.31
CA MET A 270 -0.54 -7.87 6.38
C MET A 270 -0.07 -6.70 7.23
N SER A 271 -0.83 -5.60 7.19
CA SER A 271 -0.67 -4.48 8.11
C SER A 271 -1.46 -4.79 9.39
N GLU A 272 -0.74 -5.05 10.47
CA GLU A 272 -1.31 -5.67 11.64
C GLU A 272 -1.92 -4.70 12.63
N THR A 273 -1.50 -3.43 12.58
CA THR A 273 -1.93 -2.44 13.54
C THR A 273 -1.70 -1.05 12.97
N ASP A 274 -2.52 -0.10 13.39
CA ASP A 274 -2.23 1.31 13.12
C ASP A 274 -1.20 1.83 14.16
N LEU A 275 -0.88 3.12 14.08
CA LEU A 275 0.22 3.65 14.90
C LEU A 275 -0.12 3.67 16.38
N ALA A 276 -1.40 3.67 16.71
CA ALA A 276 -1.81 3.73 18.11
C ALA A 276 -1.83 2.35 18.78
N GLY A 277 -1.63 1.31 17.98
CA GLY A 277 -1.46 -0.04 18.47
C GLY A 277 -2.77 -0.76 18.76
N GLY A 278 -2.64 -2.00 19.14
CA GLY A 278 -3.82 -2.78 19.54
C GLY A 278 -3.41 -4.21 19.76
N LYS A 279 -4.41 -5.08 19.87
CA LYS A 279 -4.16 -6.45 20.22
C LYS A 279 -3.32 -7.13 19.14
N PRO A 280 -2.32 -7.90 19.57
CA PRO A 280 -1.53 -8.65 18.61
C PRO A 280 -2.33 -9.73 17.90
N TYR A 281 -1.90 -10.09 16.69
CA TYR A 281 -2.43 -11.28 16.03
C TYR A 281 -2.18 -12.49 16.94
N SER A 282 -3.16 -13.39 17.05
CA SER A 282 -2.93 -14.66 17.73
C SER A 282 -2.04 -15.55 16.86
N GLU A 283 -1.30 -16.41 17.52
CA GLU A 283 -0.50 -17.40 16.79
C GLU A 283 -1.39 -18.34 15.99
N ALA A 284 -2.55 -18.66 16.56
CA ALA A 284 -3.50 -19.50 15.88
C ALA A 284 -3.96 -18.85 14.58
N PHE A 285 -4.28 -17.57 14.61
CA PHE A 285 -4.66 -16.88 13.39
C PHE A 285 -3.50 -16.89 12.37
N ARG A 286 -2.28 -16.59 12.81
CA ARG A 286 -1.15 -16.66 11.89
C ARG A 286 -0.98 -18.03 11.24
N GLN A 287 -1.21 -19.09 12.04
CA GLN A 287 -1.14 -20.45 11.49
C GLN A 287 -2.24 -20.72 10.44
N LYS A 288 -3.45 -20.25 10.69
N LYS A 288 -3.44 -20.23 10.71
CA LYS A 288 -4.52 -20.40 9.71
CA LYS A 288 -4.55 -20.36 9.77
C LYS A 288 -4.20 -19.68 8.42
C LYS A 288 -4.27 -19.64 8.45
N VAL A 289 -3.64 -18.47 8.52
CA VAL A 289 -3.27 -17.74 7.32
C VAL A 289 -2.19 -18.51 6.56
N ARG A 290 -1.18 -18.95 7.29
CA ARG A 290 -0.04 -19.64 6.68
C ARG A 290 -0.42 -20.91 5.94
N GLU A 291 -1.37 -21.68 6.49
CA GLU A 291 -1.80 -22.92 5.81
C GLU A 291 -2.64 -22.67 4.58
N ARG A 292 -3.22 -21.48 4.47
CA ARG A 292 -4.08 -21.15 3.36
C ARG A 292 -3.41 -20.42 2.22
N PHE A 293 -2.29 -19.79 2.46
CA PHE A 293 -1.63 -18.97 1.45
C PHE A 293 -0.28 -19.53 1.15
N HIS A 294 0.05 -19.66 -0.12
CA HIS A 294 1.26 -20.35 -0.55
C HIS A 294 2.29 -19.45 -1.27
N GLY A 295 2.12 -18.15 -1.10
CA GLY A 295 3.10 -17.16 -1.49
C GLY A 295 3.79 -16.57 -0.28
N VAL A 296 4.53 -15.52 -0.54
CA VAL A 296 5.26 -14.81 0.50
C VAL A 296 4.26 -14.09 1.40
N ILE A 297 4.51 -14.14 2.71
CA ILE A 297 3.76 -13.35 3.67
C ILE A 297 4.68 -12.31 4.30
N ILE A 298 4.27 -11.04 4.22
CA ILE A 298 5.02 -9.90 4.77
C ILE A 298 4.22 -9.38 5.96
N GLY A 299 4.86 -9.31 7.12
CA GLY A 299 4.25 -8.72 8.32
C GLY A 299 4.67 -7.28 8.49
N ALA A 300 3.80 -6.43 9.01
CA ALA A 300 4.08 -5.03 9.22
C ALA A 300 3.29 -4.48 10.38
N GLY A 301 3.86 -3.46 11.02
CA GLY A 301 3.17 -2.71 12.06
C GLY A 301 3.91 -2.74 13.38
N ALA A 302 4.72 -1.73 13.65
CA ALA A 302 5.51 -1.65 14.87
C ALA A 302 6.35 -2.89 15.12
N TYR A 303 6.90 -3.48 14.05
CA TYR A 303 7.80 -4.61 14.21
C TYR A 303 9.13 -4.16 14.80
N THR A 304 9.84 -5.13 15.33
CA THR A 304 11.27 -5.03 15.59
C THR A 304 11.92 -6.14 14.77
N ALA A 305 13.23 -6.01 14.57
CA ALA A 305 14.00 -7.08 13.92
C ALA A 305 13.83 -8.40 14.68
N GLU A 306 13.87 -8.32 16.00
CA GLU A 306 13.72 -9.54 16.81
C GLU A 306 12.37 -10.21 16.59
N LYS A 307 11.29 -9.44 16.52
CA LYS A 307 9.98 -10.04 16.29
C LYS A 307 9.90 -10.68 14.91
N ALA A 308 10.48 -10.00 13.91
CA ALA A 308 10.55 -10.57 12.56
C ALA A 308 11.30 -11.89 12.56
N GLU A 309 12.48 -11.92 13.17
CA GLU A 309 13.26 -13.16 13.25
C GLU A 309 12.47 -14.27 13.92
N ASP A 310 11.81 -13.94 15.01
CA ASP A 310 11.02 -14.94 15.74
C ASP A 310 9.93 -15.53 14.83
N LEU A 311 9.17 -14.68 14.15
CA LEU A 311 8.06 -15.16 13.32
C LEU A 311 8.53 -15.88 12.04
N ILE A 312 9.66 -15.46 11.48
CA ILE A 312 10.25 -16.16 10.36
C ILE A 312 10.73 -17.52 10.83
N GLY A 313 11.37 -17.55 12.01
CA GLY A 313 11.84 -18.81 12.59
C GLY A 313 10.76 -19.81 12.86
N LYS A 314 9.62 -19.29 13.26
CA LYS A 314 8.41 -20.09 13.48
C LYS A 314 7.68 -20.54 12.21
N GLY A 315 8.17 -20.09 11.05
CA GLY A 315 7.61 -20.50 9.76
C GLY A 315 6.30 -19.83 9.46
N LEU A 316 6.05 -18.67 10.08
CA LEU A 316 4.74 -18.02 9.98
C LEU A 316 4.69 -16.84 8.99
N ILE A 317 5.82 -16.13 8.87
CA ILE A 317 5.95 -15.06 7.87
C ILE A 317 7.28 -15.24 7.16
N ASP A 318 7.47 -14.53 6.05
CA ASP A 318 8.70 -14.62 5.26
C ASP A 318 9.54 -13.35 5.30
N ALA A 319 8.90 -12.21 5.54
CA ALA A 319 9.57 -10.92 5.48
C ALA A 319 8.85 -9.92 6.35
N VAL A 320 9.50 -8.80 6.64
CA VAL A 320 8.94 -7.72 7.43
C VAL A 320 9.07 -6.44 6.64
N ALA A 321 8.04 -5.60 6.70
CA ALA A 321 8.09 -4.26 6.16
C ALA A 321 8.15 -3.28 7.30
N PHE A 322 9.18 -2.42 7.26
CA PHE A 322 9.35 -1.33 8.22
C PHE A 322 8.98 -0.01 7.54
N GLY A 323 8.19 0.79 8.24
CA GLY A 323 7.74 2.09 7.77
C GLY A 323 8.63 3.21 8.33
N ARG A 324 8.35 3.62 9.56
CA ARG A 324 9.07 4.74 10.14
C ARG A 324 10.56 4.55 10.24
N ASP A 325 11.01 3.34 10.56
CA ASP A 325 12.45 3.14 10.61
C ASP A 325 13.07 3.31 9.21
N TYR A 326 12.32 3.04 8.12
CA TYR A 326 12.83 3.32 6.77
C TYR A 326 12.78 4.79 6.37
N ILE A 327 11.84 5.56 6.90
CA ILE A 327 11.85 7.00 6.71
C ILE A 327 13.23 7.53 7.18
N ALA A 328 13.65 7.10 8.36
CA ALA A 328 14.82 7.65 9.04
C ALA A 328 16.14 6.97 8.73
N ASN A 329 16.19 5.82 8.12
CA ASN A 329 17.39 5.02 7.98
C ASN A 329 17.51 4.46 6.59
N PRO A 330 18.19 5.20 5.68
CA PRO A 330 18.24 4.71 4.31
C PRO A 330 18.90 3.33 4.20
N ASP A 331 19.89 3.12 5.06
CA ASP A 331 20.63 1.88 5.18
C ASP A 331 20.17 1.05 6.37
N LEU A 332 18.84 0.96 6.54
CA LEU A 332 18.28 0.16 7.62
C LEU A 332 18.82 -1.27 7.58
N VAL A 333 18.97 -1.86 6.40
CA VAL A 333 19.50 -3.23 6.34
C VAL A 333 20.85 -3.33 7.05
N ALA A 334 21.80 -2.48 6.68
CA ALA A 334 23.12 -2.54 7.32
C ALA A 334 23.04 -2.28 8.80
N ARG A 335 22.22 -1.33 9.21
CA ARG A 335 22.08 -1.03 10.64
C ARG A 335 21.56 -2.23 11.42
N LEU A 336 20.52 -2.89 10.92
CA LEU A 336 20.01 -4.09 11.59
C LEU A 336 21.03 -5.22 11.55
N GLN A 337 21.75 -5.36 10.45
CA GLN A 337 22.74 -6.44 10.38
C GLN A 337 23.84 -6.23 11.41
N LYS A 338 24.29 -4.99 11.56
CA LYS A 338 25.40 -4.61 12.45
C LYS A 338 24.98 -4.32 13.90
N LYS A 339 23.68 -4.30 14.15
CA LYS A 339 23.15 -3.93 15.45
C LYS A 339 23.56 -2.52 15.84
N ALA A 340 23.54 -1.63 14.87
CA ALA A 340 23.82 -0.23 15.05
C ALA A 340 22.58 0.54 15.52
N GLU A 341 22.79 1.66 16.14
CA GLU A 341 21.71 2.57 16.47
C GLU A 341 20.97 3.06 15.21
N LEU A 342 19.72 3.45 15.41
CA LEU A 342 18.88 3.98 14.35
C LEU A 342 18.77 5.50 14.49
N ASN A 343 18.80 6.20 13.36
CA ASN A 343 18.70 7.65 13.36
C ASN A 343 17.44 8.11 14.07
N PRO A 344 17.49 9.26 14.72
CA PRO A 344 16.30 9.83 15.32
C PRO A 344 15.27 10.28 14.29
N GLN A 345 14.03 9.82 14.42
CA GLN A 345 12.97 10.23 13.53
C GLN A 345 12.50 11.66 13.79
N ARG A 346 12.09 12.35 12.71
CA ARG A 346 11.57 13.72 12.76
C ARG A 346 10.15 13.72 12.16
N PRO A 347 9.13 13.42 12.99
CA PRO A 347 7.77 13.28 12.43
C PRO A 347 7.19 14.52 11.82
N GLU A 348 7.66 15.69 12.17
CA GLU A 348 7.08 16.89 11.61
C GLU A 348 7.26 16.99 10.10
N SER A 349 8.22 16.25 9.56
CA SER A 349 8.53 16.28 8.12
C SER A 349 8.17 14.98 7.43
N PHE A 350 7.32 14.16 8.05
CA PHE A 350 6.79 12.98 7.36
C PHE A 350 5.99 13.40 6.10
N TYR A 351 5.13 14.39 6.25
CA TYR A 351 4.18 14.78 5.21
C TYR A 351 4.45 16.16 4.65
N GLY A 352 4.64 16.22 3.34
CA GLY A 352 4.86 17.48 2.64
C GLY A 352 6.23 18.04 2.77
N GLY A 353 6.42 19.21 2.19
CA GLY A 353 7.72 19.89 2.29
C GLY A 353 8.67 19.46 1.18
N GLY A 354 9.94 19.39 1.53
CA GLY A 354 11.02 19.18 0.57
C GLY A 354 12.04 18.20 1.04
N ALA A 355 13.30 18.47 0.74
CA ALA A 355 14.40 17.55 1.05
C ALA A 355 14.57 17.34 2.56
N GLU A 356 14.28 18.38 3.35
CA GLU A 356 14.51 18.28 4.80
C GLU A 356 13.53 17.27 5.40
N GLY A 357 14.07 16.31 6.14
CA GLY A 357 13.30 15.20 6.70
C GLY A 357 12.94 14.16 5.67
N TYR A 358 13.59 14.18 4.50
CA TYR A 358 13.24 13.27 3.40
C TYR A 358 14.50 12.60 2.87
N THR A 359 15.44 13.38 2.31
CA THR A 359 16.69 12.85 1.77
C THR A 359 17.91 13.18 2.63
N ASP A 360 17.69 13.75 3.81
CA ASP A 360 18.81 14.22 4.66
C ASP A 360 19.05 13.35 5.90
N TYR A 361 18.49 12.15 5.92
CA TYR A 361 18.84 11.21 6.97
C TYR A 361 20.06 10.42 6.51
N PRO A 362 21.13 10.40 7.33
CA PRO A 362 22.39 9.81 6.89
C PRO A 362 22.47 8.30 6.99
N SER A 363 23.30 7.70 6.16
CA SER A 363 23.72 6.35 6.37
C SER A 363 24.75 6.32 7.53
N LEU A 364 25.07 5.11 7.95
CA LEU A 364 26.24 4.90 8.74
C LEU A 364 27.52 5.41 8.04
C1A NYH B . -1.90 6.16 4.69
C1A NYH B . -1.94 6.22 4.95
N1A NYH B . -2.12 5.00 4.08
N1A NYH B . -2.18 4.98 4.49
O1N NYH B . -2.29 4.94 2.79
O1N NYH B . -2.04 4.72 3.23
O2N NYH B . -2.33 3.92 4.78
O2N NYH B . -2.54 4.03 5.29
C2A NYH B . -1.65 7.26 3.96
C2A NYH B . -2.11 6.48 6.27
C3A NYH B . -1.39 8.63 4.59
C3A NYH B . -1.89 7.86 6.88
C4A NYH B . -1.82 8.67 6.05
C4A NYH B . -1.84 8.96 5.82
C5A NYH B . -1.29 7.44 6.77
C5A NYH B . -0.96 8.51 4.67
C6A NYH B . -1.96 6.20 6.20
C6A NYH B . -1.51 7.30 3.95
N1 FMN C . 0.51 2.39 4.54
C2 FMN C . 0.17 2.09 3.27
O2 FMN C . -0.36 1.01 2.99
N3 FMN C . 0.36 3.01 2.27
C4 FMN C . 0.88 4.28 2.49
O4 FMN C . 1.13 5.02 1.51
C4A FMN C . 1.22 4.58 3.82
N5 FMN C . 1.78 5.81 4.11
C5A FMN C . 2.19 6.06 5.39
C6 FMN C . 2.83 7.29 5.64
C7 FMN C . 3.34 7.56 6.90
C7M FMN C . 4.17 8.81 7.16
C8 FMN C . 3.26 6.60 7.92
C8M FMN C . 3.93 6.80 9.26
C9 FMN C . 2.62 5.39 7.65
C9A FMN C . 2.10 5.08 6.38
N10 FMN C . 1.52 3.84 6.08
C10 FMN C . 1.09 3.60 4.79
C1' FMN C . 1.64 2.73 7.03
C2' FMN C . 3.02 2.13 6.95
O2' FMN C . 3.23 1.45 5.71
C3' FMN C . 3.26 1.14 8.10
O3' FMN C . 2.31 0.08 7.94
C4' FMN C . 3.10 1.83 9.47
O4' FMN C . 3.91 3.00 9.52
C5' FMN C . 3.41 0.92 10.67
O5' FMN C . 4.73 0.37 10.58
P FMN C . 6.05 0.95 11.34
O1P FMN C . 5.80 0.76 12.83
O2P FMN C . 7.15 0.08 10.81
O3P FMN C . 6.17 2.42 10.95
CL CL D . -2.10 4.12 3.97
C1 IPA E . -1.78 7.94 3.69
C2 IPA E . -1.56 8.75 4.98
C3 IPA E . -2.83 8.74 5.82
O2 IPA E . -0.54 8.19 5.76
#